data_4ZW0
#
_entry.id   4ZW0
#
_cell.length_a   75.346
_cell.length_b   75.346
_cell.length_c   353.236
_cell.angle_alpha   90.00
_cell.angle_beta   90.00
_cell.angle_gamma   120.00
#
_symmetry.space_group_name_H-M   'P 61 2 2'
#
loop_
_entity.id
_entity.type
_entity.pdbx_description
1 polymer '3-hydroxyacyl-[acyl-carrier-protein] dehydratase FabZ'
2 water water
#
_entity_poly.entity_id   1
_entity_poly.type   'polypeptide(L)'
_entity_poly.pdbx_seq_one_letter_code
;MISDLACLDAKDIVELMRFLPHRYPFLLVDKVVNIQRDESAIGIKNVTFNEPHFMGHFPGRPVMPGVLILEGMAQTAGAI
CAIHNGFDQYAPPYLMSIDKARFRKPVFPGDRLEYHVNKVRNRVDLWKFQCCAKVENTVVAEAEICAMVMHEKKEKNESH
G
;
_entity_poly.pdbx_strand_id   A,B,C
#
# COMPACT_ATOMS: atom_id res chain seq x y z
N LEU A 8 -16.75 -0.14 24.36
CA LEU A 8 -16.87 -1.24 23.40
C LEU A 8 -15.54 -1.62 22.76
N ASP A 9 -15.26 -2.92 22.71
CA ASP A 9 -14.00 -3.41 22.15
C ASP A 9 -13.78 -3.16 20.62
N ALA A 10 -12.50 -3.14 20.25
CA ALA A 10 -12.14 -3.10 18.84
C ALA A 10 -10.90 -3.95 18.58
N LYS A 11 -10.73 -4.39 17.34
CA LYS A 11 -9.55 -5.12 16.94
C LYS A 11 -9.00 -4.55 15.63
N ASP A 12 -7.70 -4.23 15.64
CA ASP A 12 -6.97 -3.93 14.39
C ASP A 12 -6.61 -5.24 13.65
N ILE A 13 -6.06 -5.06 12.46
CA ILE A 13 -5.71 -6.18 11.58
C ILE A 13 -4.78 -7.25 12.19
N VAL A 14 -3.79 -6.78 12.95
CA VAL A 14 -2.82 -7.68 13.55
C VAL A 14 -3.44 -8.51 14.65
N GLU A 15 -4.38 -7.90 15.35
CA GLU A 15 -5.15 -8.61 16.37
C GLU A 15 -6.06 -9.61 15.69
N LEU A 16 -6.85 -9.13 14.71
CA LEU A 16 -7.68 -10.02 13.89
C LEU A 16 -6.95 -11.26 13.46
N MET A 17 -5.69 -11.09 13.10
CA MET A 17 -4.95 -12.24 12.59
C MET A 17 -4.80 -13.36 13.62
N ARG A 18 -5.04 -13.03 14.89
CA ARG A 18 -4.90 -14.04 15.94
C ARG A 18 -6.16 -14.84 16.08
N PHE A 19 -7.27 -14.30 15.56
CA PHE A 19 -8.56 -14.98 15.68
C PHE A 19 -9.04 -15.56 14.38
N LEU A 20 -8.60 -14.96 13.27
CA LEU A 20 -8.90 -15.48 11.94
C LEU A 20 -7.64 -16.15 11.39
N PRO A 21 -7.77 -17.39 10.92
CA PRO A 21 -6.69 -18.10 10.19
C PRO A 21 -6.51 -17.60 8.74
N HIS A 22 -7.58 -17.04 8.15
CA HIS A 22 -7.52 -16.33 6.85
C HIS A 22 -6.34 -15.38 6.61
N ARG A 23 -5.64 -15.60 5.51
CA ARG A 23 -4.58 -14.68 5.10
C ARG A 23 -4.81 -14.19 3.67
N TYR A 24 -4.00 -13.21 3.24
CA TYR A 24 -4.03 -12.79 1.83
C TYR A 24 -3.97 -13.99 0.87
N PRO A 25 -4.79 -13.98 -0.18
CA PRO A 25 -5.69 -12.87 -0.59
C PRO A 25 -7.13 -13.05 -0.14
N PHE A 26 -7.33 -13.53 1.08
CA PHE A 26 -8.68 -13.93 1.48
C PHE A 26 -9.00 -13.49 2.89
N LEU A 27 -8.26 -12.50 3.38
CA LEU A 27 -8.60 -11.87 4.64
C LEU A 27 -9.35 -10.57 4.31
N LEU A 28 -10.67 -10.63 4.53
CA LEU A 28 -11.55 -9.65 3.89
C LEU A 28 -12.21 -8.64 4.82
N VAL A 29 -11.68 -8.51 6.04
CA VAL A 29 -12.04 -7.40 6.93
C VAL A 29 -10.73 -6.74 7.32
N ASP A 30 -10.73 -5.42 7.50
CA ASP A 30 -9.52 -4.74 7.99
C ASP A 30 -9.55 -4.40 9.48
N LYS A 31 -10.76 -4.22 10.03
CA LYS A 31 -10.98 -3.89 11.48
C LYS A 31 -12.26 -4.51 11.98
N VAL A 32 -12.41 -4.66 13.28
CA VAL A 32 -13.75 -4.88 13.83
C VAL A 32 -13.96 -3.98 15.03
N VAL A 33 -15.06 -3.26 15.05
CA VAL A 33 -15.29 -2.23 16.06
C VAL A 33 -16.66 -2.40 16.75
N ASN A 34 -16.88 -1.67 17.85
CA ASN A 34 -18.13 -1.71 18.61
C ASN A 34 -18.50 -3.14 18.92
N ILE A 35 -17.47 -3.94 19.21
CA ILE A 35 -17.66 -5.33 19.57
C ILE A 35 -18.35 -5.42 20.92
N GLN A 36 -19.60 -5.87 20.89
CA GLN A 36 -20.32 -6.10 22.12
C GLN A 36 -20.34 -7.58 22.42
N ARG A 37 -19.33 -8.02 23.17
CA ARG A 37 -19.15 -9.42 23.51
C ARG A 37 -19.14 -10.32 22.27
N ASP A 38 -20.34 -10.73 21.89
CA ASP A 38 -20.55 -11.94 21.13
C ASP A 38 -21.77 -11.65 20.28
N GLU A 39 -22.44 -10.57 20.63
CA GLU A 39 -23.81 -10.42 20.22
C GLU A 39 -23.86 -9.56 19.00
N SER A 40 -23.00 -8.55 18.96
CA SER A 40 -23.01 -7.67 17.82
C SER A 40 -21.62 -7.11 17.60
N ALA A 41 -21.33 -6.76 16.35
CA ALA A 41 -20.15 -5.95 16.01
C ALA A 41 -20.35 -5.22 14.71
N ILE A 42 -19.37 -4.41 14.38
CA ILE A 42 -19.30 -3.91 13.01
C ILE A 42 -17.89 -4.07 12.38
N GLY A 43 -17.78 -4.92 11.35
CA GLY A 43 -16.55 -5.15 10.59
C GLY A 43 -16.26 -4.03 9.59
N ILE A 44 -15.00 -3.61 9.45
CA ILE A 44 -14.62 -2.58 8.47
C ILE A 44 -13.76 -3.18 7.37
N LYS A 45 -14.16 -2.88 6.13
CA LYS A 45 -13.45 -3.31 4.92
C LYS A 45 -13.34 -2.14 3.94
N ASN A 46 -12.14 -1.55 3.80
CA ASN A 46 -11.91 -0.57 2.71
C ASN A 46 -11.80 -1.22 1.34
N VAL A 47 -12.52 -0.69 0.37
CA VAL A 47 -12.49 -1.21 -0.98
C VAL A 47 -11.53 -0.31 -1.76
N THR A 48 -10.54 -0.92 -2.39
CA THR A 48 -9.57 -0.14 -3.13
C THR A 48 -9.31 -0.85 -4.43
N PHE A 49 -8.88 -0.11 -5.42
CA PHE A 49 -8.66 -0.72 -6.71
C PHE A 49 -7.46 -1.72 -6.69
N ASN A 50 -6.52 -1.44 -5.80
CA ASN A 50 -5.35 -2.27 -5.71
C ASN A 50 -5.57 -3.64 -4.98
N GLU A 51 -6.67 -4.33 -5.30
CA GLU A 51 -6.93 -5.66 -4.79
C GLU A 51 -6.96 -6.61 -5.96
N PRO A 52 -6.46 -7.82 -5.75
CA PRO A 52 -6.24 -8.78 -6.84
C PRO A 52 -7.51 -9.15 -7.62
N HIS A 53 -8.65 -9.27 -6.93
CA HIS A 53 -9.89 -9.68 -7.61
C HIS A 53 -10.35 -8.68 -8.67
N PHE A 54 -9.99 -7.42 -8.49
CA PHE A 54 -10.34 -6.39 -9.49
C PHE A 54 -9.66 -6.53 -10.84
N MET A 55 -8.62 -7.36 -10.91
CA MET A 55 -8.01 -7.71 -12.19
C MET A 55 -9.04 -8.38 -13.09
N GLY A 56 -9.98 -9.09 -12.52
CA GLY A 56 -10.83 -9.90 -13.36
C GLY A 56 -12.30 -9.69 -13.13
N HIS A 57 -12.64 -8.75 -12.25
CA HIS A 57 -14.05 -8.53 -11.87
C HIS A 57 -14.44 -7.02 -11.67
N PHE A 58 -14.45 -6.24 -12.74
CA PHE A 58 -14.25 -6.72 -14.11
C PHE A 58 -13.22 -5.90 -14.83
N PRO A 59 -12.62 -6.50 -15.86
CA PRO A 59 -11.58 -5.74 -16.56
C PRO A 59 -12.11 -4.39 -17.13
N GLY A 60 -11.49 -3.31 -16.65
CA GLY A 60 -11.92 -1.96 -17.01
C GLY A 60 -13.20 -1.53 -16.29
N ARG A 61 -13.80 -2.44 -15.50
CA ARG A 61 -15.01 -2.11 -14.75
C ARG A 61 -14.98 -2.80 -13.39
N PRO A 62 -14.11 -2.30 -12.49
CA PRO A 62 -13.99 -2.87 -11.15
C PRO A 62 -15.30 -2.71 -10.37
N VAL A 63 -15.80 -3.83 -9.89
CA VAL A 63 -16.92 -3.80 -8.98
C VAL A 63 -16.84 -5.01 -8.05
N MET A 64 -17.01 -4.72 -6.76
CA MET A 64 -16.84 -5.69 -5.73
C MET A 64 -17.78 -6.89 -5.86
N PRO A 65 -17.20 -8.11 -5.91
CA PRO A 65 -17.99 -9.35 -6.03
C PRO A 65 -18.82 -9.56 -4.80
N GLY A 66 -20.12 -9.86 -4.96
CA GLY A 66 -21.06 -10.00 -3.87
C GLY A 66 -20.63 -11.08 -2.92
N VAL A 67 -20.21 -12.23 -3.47
CA VAL A 67 -19.70 -13.30 -2.60
C VAL A 67 -18.56 -12.92 -1.64
N LEU A 68 -17.77 -11.88 -1.97
CA LEU A 68 -16.68 -11.41 -1.11
C LEU A 68 -17.24 -10.49 -0.07
N ILE A 69 -18.36 -9.83 -0.39
CA ILE A 69 -19.08 -9.11 0.65
C ILE A 69 -19.63 -10.11 1.67
N LEU A 70 -20.23 -11.17 1.17
CA LEU A 70 -20.68 -12.25 2.03
C LEU A 70 -19.54 -12.69 2.90
N GLU A 71 -18.41 -12.97 2.26
CA GLU A 71 -17.27 -13.49 2.99
C GLU A 71 -16.72 -12.49 4.07
N GLY A 72 -16.74 -11.20 3.73
CA GLY A 72 -16.50 -10.14 4.67
C GLY A 72 -17.36 -10.29 5.94
N MET A 73 -18.68 -10.17 5.76
CA MET A 73 -19.64 -10.43 6.86
C MET A 73 -19.33 -11.72 7.68
N ALA A 74 -19.12 -12.83 6.99
CA ALA A 74 -18.85 -14.10 7.67
C ALA A 74 -17.61 -14.02 8.55
N GLN A 75 -16.66 -13.23 8.10
CA GLN A 75 -15.40 -13.17 8.80
C GLN A 75 -15.60 -12.29 10.02
N THR A 76 -16.35 -11.20 9.88
CA THR A 76 -16.51 -10.36 11.06
C THR A 76 -17.26 -11.15 12.15
N ALA A 77 -18.33 -11.83 11.74
CA ALA A 77 -19.04 -12.71 12.69
C ALA A 77 -18.11 -13.74 13.35
N GLY A 78 -17.47 -14.58 12.53
CA GLY A 78 -16.57 -15.60 13.03
C GLY A 78 -15.47 -15.04 13.91
N ALA A 79 -15.04 -13.81 13.62
CA ALA A 79 -14.02 -13.16 14.44
C ALA A 79 -14.54 -12.87 15.85
N ILE A 80 -15.67 -12.17 15.97
CA ILE A 80 -16.13 -11.89 17.33
C ILE A 80 -16.49 -13.14 18.13
N CYS A 81 -17.06 -14.11 17.45
CA CYS A 81 -17.18 -15.44 18.07
C CYS A 81 -15.85 -16.08 18.49
N ALA A 82 -14.80 -15.93 17.70
CA ALA A 82 -13.57 -16.59 18.09
C ALA A 82 -12.99 -15.86 19.31
N ILE A 83 -13.24 -14.55 19.36
CA ILE A 83 -12.69 -13.71 20.41
C ILE A 83 -13.39 -14.04 21.72
N HIS A 84 -14.70 -13.95 21.68
CA HIS A 84 -15.54 -14.23 22.83
C HIS A 84 -15.30 -15.62 23.46
N ASN A 85 -15.28 -16.66 22.64
CA ASN A 85 -15.24 -18.03 23.13
C ASN A 85 -13.85 -18.54 23.43
N GLY A 86 -12.92 -17.61 23.70
CA GLY A 86 -11.54 -17.98 23.99
C GLY A 86 -10.87 -18.83 22.92
N PHE A 87 -11.48 -18.86 21.72
CA PHE A 87 -10.90 -19.55 20.56
C PHE A 87 -9.94 -18.61 19.83
N ASP A 88 -9.34 -19.12 18.77
CA ASP A 88 -8.43 -18.36 17.93
C ASP A 88 -8.43 -19.01 16.53
N GLN A 89 -7.45 -18.67 15.71
CA GLN A 89 -7.08 -19.53 14.58
C GLN A 89 -6.54 -20.89 15.16
N TYR A 90 -5.99 -21.78 14.31
CA TYR A 90 -5.64 -23.15 14.74
C TYR A 90 -6.91 -24.02 14.96
N ALA A 91 -8.00 -23.36 15.38
CA ALA A 91 -9.37 -23.86 15.27
C ALA A 91 -10.18 -23.09 14.17
N PRO A 92 -10.10 -23.57 12.90
CA PRO A 92 -10.64 -22.84 11.72
C PRO A 92 -12.15 -23.02 11.52
N PRO A 93 -12.80 -21.99 10.93
CA PRO A 93 -14.25 -22.05 10.76
C PRO A 93 -14.59 -22.85 9.51
N TYR A 94 -15.87 -23.23 9.40
CA TYR A 94 -16.40 -23.90 8.22
C TYR A 94 -17.79 -23.36 7.90
N LEU A 95 -17.88 -22.60 6.81
CA LEU A 95 -19.16 -21.99 6.44
C LEU A 95 -20.19 -23.08 6.08
N MET A 96 -21.36 -23.04 6.73
CA MET A 96 -22.41 -24.04 6.52
C MET A 96 -23.65 -23.56 5.75
N SER A 97 -24.12 -22.36 6.04
CA SER A 97 -25.31 -21.90 5.33
C SER A 97 -25.27 -20.45 5.05
N ILE A 98 -26.00 -20.05 4.02
CA ILE A 98 -26.23 -18.62 3.77
C ILE A 98 -27.67 -18.59 3.28
N ASP A 99 -28.45 -17.67 3.86
CA ASP A 99 -29.85 -17.55 3.50
C ASP A 99 -30.26 -16.10 3.44
N LYS A 100 -31.28 -15.83 2.63
CA LYS A 100 -31.86 -14.49 2.52
C LYS A 100 -30.78 -13.48 2.13
N ALA A 101 -29.86 -13.91 1.29
CA ALA A 101 -28.79 -13.04 0.89
C ALA A 101 -29.29 -12.13 -0.23
N ARG A 102 -29.13 -10.84 -0.04
CA ARG A 102 -29.73 -9.91 -0.95
C ARG A 102 -28.77 -8.72 -1.26
N PHE A 103 -28.48 -8.50 -2.53
CA PHE A 103 -27.53 -7.45 -2.90
C PHE A 103 -28.23 -6.29 -3.55
N ARG A 104 -28.18 -5.13 -2.91
CA ARG A 104 -29.03 -4.06 -3.39
C ARG A 104 -28.32 -3.01 -4.21
N LYS A 105 -27.03 -2.90 -4.02
CA LYS A 105 -26.34 -1.82 -4.68
C LYS A 105 -24.89 -2.27 -4.88
N PRO A 106 -24.33 -2.00 -6.07
CA PRO A 106 -22.91 -2.29 -6.32
C PRO A 106 -21.98 -1.36 -5.58
N VAL A 107 -20.88 -1.95 -5.08
CA VAL A 107 -19.84 -1.20 -4.38
C VAL A 107 -18.51 -1.17 -5.15
N PHE A 108 -17.82 -0.03 -5.06
CA PHE A 108 -16.68 0.24 -5.93
C PHE A 108 -15.46 0.67 -5.15
N PRO A 109 -14.27 0.66 -5.82
CA PRO A 109 -13.08 1.31 -5.26
C PRO A 109 -13.39 2.72 -4.70
N GLY A 110 -12.93 2.94 -3.47
CA GLY A 110 -13.13 4.22 -2.79
C GLY A 110 -14.16 4.04 -1.70
N ASP A 111 -14.96 2.99 -1.84
CA ASP A 111 -16.03 2.76 -0.89
C ASP A 111 -15.52 2.17 0.42
N ARG A 112 -16.23 2.46 1.50
CA ARG A 112 -15.91 1.83 2.75
C ARG A 112 -17.07 0.99 3.27
N LEU A 113 -16.84 -0.32 3.39
CA LEU A 113 -17.89 -1.24 3.86
C LEU A 113 -17.88 -1.39 5.34
N GLU A 114 -19.08 -1.27 5.91
CA GLU A 114 -19.30 -1.60 7.32
C GLU A 114 -20.24 -2.80 7.38
N TYR A 115 -19.80 -3.85 8.03
CA TYR A 115 -20.57 -5.07 8.15
C TYR A 115 -21.15 -5.15 9.56
N HIS A 116 -22.42 -4.74 9.68
CA HIS A 116 -23.14 -4.87 10.95
C HIS A 116 -23.61 -6.29 11.15
N VAL A 117 -23.06 -6.95 12.17
CA VAL A 117 -23.49 -8.30 12.48
C VAL A 117 -24.16 -8.40 13.87
N ASN A 118 -25.20 -9.24 13.92
CA ASN A 118 -26.06 -9.42 15.10
C ASN A 118 -26.31 -10.87 15.39
N LYS A 119 -26.15 -11.22 16.65
CA LYS A 119 -25.94 -12.60 17.10
C LYS A 119 -26.85 -13.70 16.60
N VAL A 120 -28.17 -13.63 16.89
CA VAL A 120 -29.08 -14.79 16.65
C VAL A 120 -28.76 -16.15 17.36
N ARG A 121 -27.54 -16.68 17.21
CA ARG A 121 -27.15 -17.95 17.87
C ARG A 121 -25.63 -18.20 17.89
N ASN A 122 -25.09 -18.72 19.01
CA ASN A 122 -23.72 -19.25 19.04
C ASN A 122 -23.47 -20.26 20.16
N ARG A 123 -23.62 -21.55 19.85
CA ARG A 123 -23.40 -22.60 20.83
C ARG A 123 -23.02 -23.94 20.20
N VAL A 124 -22.07 -24.64 20.83
CA VAL A 124 -21.60 -25.96 20.38
C VAL A 124 -20.79 -25.86 19.06
N ASP A 125 -19.90 -24.85 18.99
CA ASP A 125 -19.08 -24.58 17.80
C ASP A 125 -19.95 -24.38 16.55
N LEU A 126 -20.93 -23.48 16.66
CA LEU A 126 -21.94 -23.33 15.62
C LEU A 126 -22.68 -22.03 15.89
N TRP A 127 -22.35 -21.02 15.10
CA TRP A 127 -23.05 -19.75 15.25
C TRP A 127 -23.84 -19.39 14.00
N LYS A 128 -24.82 -18.52 14.18
CA LYS A 128 -25.62 -18.06 13.06
C LYS A 128 -25.94 -16.60 13.25
N PHE A 129 -25.49 -15.72 12.35
CA PHE A 129 -25.71 -14.27 12.50
C PHE A 129 -26.56 -13.62 11.41
N GLN A 130 -27.15 -12.51 11.79
CA GLN A 130 -27.84 -11.66 10.85
C GLN A 130 -26.92 -10.48 10.51
N CYS A 131 -26.65 -10.32 9.21
CA CYS A 131 -25.64 -9.41 8.77
C CYS A 131 -26.16 -8.52 7.70
N CYS A 132 -25.78 -7.25 7.80
CA CYS A 132 -26.16 -6.32 6.78
C CYS A 132 -24.92 -5.47 6.52
N ALA A 133 -24.66 -5.22 5.24
CA ALA A 133 -23.56 -4.38 4.82
C ALA A 133 -24.01 -2.98 4.36
N LYS A 134 -23.35 -1.97 4.92
CA LYS A 134 -23.66 -0.60 4.59
C LYS A 134 -22.46 0.10 4.02
N VAL A 135 -22.72 1.08 3.14
CA VAL A 135 -21.71 2.01 2.64
C VAL A 135 -22.30 3.42 2.80
N GLU A 136 -21.87 4.12 3.85
CA GLU A 136 -22.38 5.46 4.16
C GLU A 136 -23.88 5.50 4.57
N ASN A 137 -24.19 4.68 5.58
CA ASN A 137 -25.56 4.49 6.04
C ASN A 137 -26.54 4.22 4.92
N THR A 138 -26.09 3.47 3.92
CA THR A 138 -26.94 2.98 2.85
C THR A 138 -26.75 1.47 2.82
N VAL A 139 -27.84 0.72 3.00
CA VAL A 139 -27.70 -0.74 3.00
C VAL A 139 -27.42 -1.23 1.60
N VAL A 140 -26.33 -1.98 1.49
CA VAL A 140 -25.80 -2.33 0.20
C VAL A 140 -25.95 -3.85 0.03
N ALA A 141 -25.91 -4.56 1.16
CA ALA A 141 -26.33 -5.96 1.09
C ALA A 141 -26.84 -6.47 2.42
N GLU A 142 -27.32 -7.71 2.42
CA GLU A 142 -27.70 -8.37 3.67
C GLU A 142 -27.77 -9.89 3.50
N ALA A 143 -27.49 -10.60 4.58
CA ALA A 143 -27.62 -12.04 4.56
C ALA A 143 -27.68 -12.59 5.96
N GLU A 144 -28.14 -13.81 6.06
CA GLU A 144 -28.08 -14.51 7.30
C GLU A 144 -27.10 -15.62 7.07
N ILE A 145 -26.07 -15.68 7.92
CA ILE A 145 -24.95 -16.59 7.67
C ILE A 145 -24.77 -17.50 8.83
N CYS A 146 -24.59 -18.77 8.57
CA CYS A 146 -24.28 -19.72 9.65
C CYS A 146 -23.00 -20.53 9.37
N ALA A 147 -22.14 -20.66 10.39
CA ALA A 147 -20.95 -21.51 10.27
C ALA A 147 -20.64 -22.33 11.54
N MET A 148 -19.83 -23.37 11.38
CA MET A 148 -19.37 -24.18 12.50
C MET A 148 -17.85 -24.02 12.68
N VAL A 149 -17.31 -24.58 13.77
CA VAL A 149 -15.87 -24.51 14.03
C VAL A 149 -15.31 -25.84 14.61
N LEU B 8 -17.30 21.61 -7.71
CA LEU B 8 -15.96 21.07 -7.94
C LEU B 8 -15.98 19.67 -8.57
N ASP B 9 -15.08 19.45 -9.52
CA ASP B 9 -15.03 18.16 -10.23
C ASP B 9 -14.50 16.97 -9.38
N ALA B 10 -14.99 15.79 -9.73
CA ALA B 10 -14.52 14.53 -9.19
C ALA B 10 -14.36 13.46 -10.28
N LYS B 11 -13.51 12.49 -10.01
CA LYS B 11 -13.31 11.38 -10.91
C LYS B 11 -13.34 10.06 -10.12
N ASP B 12 -14.19 9.14 -10.55
CA ASP B 12 -14.10 7.77 -10.04
C ASP B 12 -12.96 7.00 -10.75
N ILE B 13 -12.78 5.75 -10.31
CA ILE B 13 -11.65 4.92 -10.77
C ILE B 13 -11.63 4.67 -12.30
N VAL B 14 -12.82 4.48 -12.86
CA VAL B 14 -12.93 4.22 -14.27
C VAL B 14 -12.55 5.45 -15.07
N GLU B 15 -12.89 6.60 -14.53
CA GLU B 15 -12.54 7.83 -15.21
C GLU B 15 -11.07 8.05 -15.09
N LEU B 16 -10.56 7.97 -13.86
CA LEU B 16 -9.11 8.00 -13.61
C LEU B 16 -8.30 7.20 -14.63
N MET B 17 -8.77 5.98 -14.91
CA MET B 17 -8.08 5.08 -15.83
C MET B 17 -7.85 5.70 -17.20
N ARG B 18 -8.66 6.72 -17.55
CA ARG B 18 -8.51 7.45 -18.81
C ARG B 18 -7.38 8.46 -18.81
N PHE B 19 -6.95 8.88 -17.62
CA PHE B 19 -5.91 9.90 -17.52
C PHE B 19 -4.62 9.35 -16.99
N LEU B 20 -4.75 8.27 -16.21
CA LEU B 20 -3.59 7.53 -15.73
C LEU B 20 -3.42 6.24 -16.54
N PRO B 21 -2.21 6.07 -17.12
CA PRO B 21 -1.81 4.79 -17.73
C PRO B 21 -1.64 3.61 -16.71
N HIS B 22 -1.21 3.91 -15.48
CA HIS B 22 -1.06 3.00 -14.37
C HIS B 22 -2.17 1.98 -14.21
N ARG B 23 -1.82 0.71 -14.04
CA ARG B 23 -2.83 -0.30 -13.72
C ARG B 23 -2.37 -1.11 -12.56
N TYR B 24 -3.21 -2.02 -12.11
CA TYR B 24 -2.78 -2.97 -11.09
C TYR B 24 -1.44 -3.67 -11.43
N PRO B 25 -0.50 -3.78 -10.45
CA PRO B 25 -0.62 -3.39 -9.02
C PRO B 25 -0.06 -2.01 -8.64
N PHE B 26 -0.25 -1.01 -9.49
CA PHE B 26 0.47 0.23 -9.28
C PHE B 26 -0.40 1.44 -9.55
N LEU B 27 -1.70 1.22 -9.50
CA LEU B 27 -2.64 2.31 -9.54
C LEU B 27 -3.04 2.54 -8.10
N LEU B 28 -2.49 3.62 -7.56
CA LEU B 28 -2.51 3.85 -6.11
C LEU B 28 -3.41 5.00 -5.63
N VAL B 29 -4.38 5.42 -6.45
CA VAL B 29 -5.44 6.31 -6.00
C VAL B 29 -6.72 5.64 -6.40
N ASP B 30 -7.79 5.81 -5.63
CA ASP B 30 -9.09 5.22 -5.97
C ASP B 30 -10.08 6.26 -6.52
N LYS B 31 -9.90 7.50 -6.07
CA LYS B 31 -10.77 8.63 -6.48
C LYS B 31 -9.98 9.90 -6.54
N VAL B 32 -10.48 10.91 -7.23
CA VAL B 32 -9.95 12.27 -7.02
C VAL B 32 -11.12 13.20 -6.89
N VAL B 33 -11.13 14.03 -5.85
CA VAL B 33 -12.26 14.92 -5.57
C VAL B 33 -11.82 16.38 -5.35
N ASN B 34 -12.80 17.29 -5.30
CA ASN B 34 -12.54 18.72 -5.14
C ASN B 34 -11.46 19.21 -6.08
N ILE B 35 -11.58 18.72 -7.30
CA ILE B 35 -10.66 19.10 -8.35
C ILE B 35 -10.97 20.53 -8.78
N GLN B 36 -10.05 21.41 -8.45
CA GLN B 36 -10.17 22.76 -8.91
C GLN B 36 -9.17 22.94 -10.02
N ARG B 37 -9.71 22.79 -11.24
CA ARG B 37 -8.93 22.88 -12.45
C ARG B 37 -7.66 22.03 -12.37
N ASP B 38 -6.60 22.67 -11.93
CA ASP B 38 -5.29 22.24 -12.26
C ASP B 38 -4.49 22.54 -11.03
N GLU B 39 -5.13 23.27 -10.12
CA GLU B 39 -4.37 23.98 -9.11
C GLU B 39 -4.33 23.15 -7.84
N SER B 40 -5.46 22.54 -7.54
CA SER B 40 -5.55 21.77 -6.34
C SER B 40 -6.50 20.60 -6.54
N ALA B 41 -6.24 19.51 -5.82
CA ALA B 41 -7.23 18.48 -5.66
C ALA B 41 -7.01 17.71 -4.38
N ILE B 42 -7.92 16.78 -4.11
CA ILE B 42 -7.66 15.76 -3.10
C ILE B 42 -7.92 14.32 -3.55
N GLY B 43 -6.83 13.54 -3.72
CA GLY B 43 -6.88 12.12 -4.05
C GLY B 43 -7.32 11.20 -2.92
N ILE B 44 -8.18 10.23 -3.17
CA ILE B 44 -8.52 9.24 -2.15
C ILE B 44 -7.94 7.85 -2.42
N LYS B 45 -7.32 7.29 -1.37
CA LYS B 45 -6.75 5.93 -1.35
C LYS B 45 -7.19 5.14 -0.09
N ASN B 46 -8.05 4.15 -0.23
CA ASN B 46 -8.34 3.29 0.92
C ASN B 46 -7.21 2.30 1.11
N VAL B 47 -6.75 2.17 2.36
CA VAL B 47 -5.73 1.20 2.67
C VAL B 47 -6.43 -0.04 3.22
N THR B 48 -6.23 -1.18 2.58
CA THR B 48 -6.84 -2.41 3.03
C THR B 48 -5.77 -3.50 3.10
N PHE B 49 -5.97 -4.49 3.94
CA PHE B 49 -5.01 -5.56 4.07
C PHE B 49 -4.90 -6.40 2.77
N ASN B 50 -6.00 -6.48 2.04
CA ASN B 50 -5.99 -7.26 0.79
C ASN B 50 -5.27 -6.64 -0.40
N GLU B 51 -4.11 -6.04 -0.18
CA GLU B 51 -3.28 -5.50 -1.25
C GLU B 51 -1.98 -6.30 -1.24
N PRO B 52 -1.42 -6.50 -2.44
CA PRO B 52 -0.26 -7.36 -2.63
C PRO B 52 0.99 -6.93 -1.83
N HIS B 53 1.27 -5.63 -1.77
CA HIS B 53 2.48 -5.21 -1.02
C HIS B 53 2.51 -5.65 0.45
N PHE B 54 1.33 -5.82 1.05
CA PHE B 54 1.23 -6.23 2.44
C PHE B 54 1.67 -7.66 2.72
N MET B 55 1.78 -8.47 1.67
CA MET B 55 2.51 -9.73 1.74
C MET B 55 3.94 -9.61 2.25
N GLY B 56 4.65 -8.59 1.82
CA GLY B 56 6.03 -8.50 2.22
C GLY B 56 6.41 -7.22 2.93
N HIS B 57 5.42 -6.44 3.40
CA HIS B 57 5.73 -5.16 4.05
C HIS B 57 4.76 -4.76 5.15
N PHE B 58 4.77 -5.48 6.27
CA PHE B 58 5.67 -6.62 6.53
C PHE B 58 4.92 -7.84 6.96
N PRO B 59 5.56 -9.00 6.79
CA PRO B 59 4.85 -10.23 7.17
C PRO B 59 4.40 -10.23 8.65
N GLY B 60 3.10 -10.45 8.87
CA GLY B 60 2.48 -10.32 10.18
C GLY B 60 2.50 -8.91 10.80
N ARG B 61 3.02 -7.94 10.04
CA ARG B 61 2.98 -6.56 10.51
C ARG B 61 2.77 -5.60 9.32
N PRO B 62 1.56 -5.63 8.72
CA PRO B 62 1.26 -4.78 7.55
C PRO B 62 1.34 -3.30 7.91
N VAL B 63 2.18 -2.59 7.20
CA VAL B 63 2.23 -1.15 7.33
C VAL B 63 2.55 -0.59 5.97
N MET B 64 1.82 0.43 5.58
CA MET B 64 1.95 1.04 4.28
C MET B 64 3.36 1.64 4.05
N PRO B 65 4.03 1.21 2.96
CA PRO B 65 5.33 1.73 2.53
C PRO B 65 5.21 3.20 2.15
N GLY B 66 6.02 4.05 2.76
CA GLY B 66 6.02 5.46 2.48
C GLY B 66 6.17 5.80 1.03
N VAL B 67 7.04 5.09 0.32
CA VAL B 67 7.20 5.33 -1.12
C VAL B 67 5.90 5.19 -1.91
N LEU B 68 4.99 4.33 -1.47
CA LEU B 68 3.70 4.20 -2.18
C LEU B 68 2.73 5.31 -1.74
N ILE B 69 2.94 5.87 -0.57
CA ILE B 69 2.29 7.11 -0.27
C ILE B 69 2.73 8.24 -1.22
N LEU B 70 4.04 8.40 -1.37
CA LEU B 70 4.60 9.32 -2.38
C LEU B 70 3.98 9.04 -3.72
N GLU B 71 3.97 7.79 -4.13
CA GLU B 71 3.46 7.45 -5.45
C GLU B 71 1.96 7.81 -5.56
N GLY B 72 1.20 7.61 -4.49
CA GLY B 72 -0.20 8.02 -4.44
C GLY B 72 -0.34 9.51 -4.73
N MET B 73 0.30 10.35 -3.91
CA MET B 73 0.40 11.78 -4.17
C MET B 73 0.76 12.13 -5.62
N ALA B 74 1.85 11.55 -6.13
CA ALA B 74 2.28 11.81 -7.51
C ALA B 74 1.18 11.48 -8.54
N GLN B 75 0.40 10.46 -8.23
CA GLN B 75 -0.63 10.03 -9.15
C GLN B 75 -1.80 11.00 -9.13
N THR B 76 -2.15 11.51 -7.95
CA THR B 76 -3.27 12.43 -7.93
C THR B 76 -2.91 13.77 -8.63
N ALA B 77 -1.70 14.26 -8.33
CA ALA B 77 -1.11 15.37 -9.09
C ALA B 77 -1.19 15.15 -10.62
N GLY B 78 -0.43 14.20 -11.11
CA GLY B 78 -0.41 13.89 -12.53
C GLY B 78 -1.78 13.66 -13.12
N ALA B 79 -2.73 13.17 -12.34
CA ALA B 79 -4.07 12.91 -12.85
C ALA B 79 -4.79 14.20 -13.14
N ILE B 80 -4.80 15.14 -12.17
CA ILE B 80 -5.46 16.43 -12.47
C ILE B 80 -4.74 17.21 -13.58
N CYS B 81 -3.42 17.15 -13.62
CA CYS B 81 -2.69 17.69 -14.76
C CYS B 81 -3.05 17.04 -16.09
N ALA B 82 -3.33 15.76 -16.09
CA ALA B 82 -3.67 15.09 -17.34
C ALA B 82 -5.08 15.49 -17.72
N ILE B 83 -5.92 15.67 -16.72
CA ILE B 83 -7.28 16.04 -17.00
C ILE B 83 -7.33 17.45 -17.56
N HIS B 84 -6.67 18.36 -16.87
CA HIS B 84 -6.75 19.74 -17.22
C HIS B 84 -6.18 19.94 -18.63
N ASN B 85 -5.00 19.42 -18.88
CA ASN B 85 -4.26 19.74 -20.10
C ASN B 85 -4.71 18.94 -21.31
N GLY B 86 -5.92 18.41 -21.27
CA GLY B 86 -6.49 17.67 -22.38
C GLY B 86 -5.67 16.45 -22.79
N PHE B 87 -4.75 16.07 -21.90
CA PHE B 87 -3.95 14.86 -22.09
C PHE B 87 -4.74 13.68 -21.55
N ASP B 88 -4.07 12.54 -21.58
CA ASP B 88 -4.64 11.31 -21.06
C ASP B 88 -3.48 10.36 -20.79
N GLN B 89 -3.76 9.07 -20.65
CA GLN B 89 -2.76 8.02 -20.85
C GLN B 89 -2.34 8.02 -22.35
N TYR B 90 -1.53 7.05 -22.79
CA TYR B 90 -0.89 7.10 -24.13
C TYR B 90 0.22 8.19 -24.21
N ALA B 91 0.08 9.24 -23.38
CA ALA B 91 1.15 10.18 -22.99
C ALA B 91 1.48 10.02 -21.48
N PRO B 92 2.44 9.13 -21.17
CA PRO B 92 2.73 8.71 -19.77
C PRO B 92 3.66 9.67 -19.03
N PRO B 93 3.53 9.70 -17.69
CA PRO B 93 4.34 10.61 -16.87
C PRO B 93 5.69 10.00 -16.53
N TYR B 94 6.61 10.85 -16.09
CA TYR B 94 7.94 10.45 -15.70
C TYR B 94 8.33 11.28 -14.52
N LEU B 95 8.43 10.63 -13.36
CA LEU B 95 8.80 11.28 -12.11
C LEU B 95 10.25 11.76 -12.14
N MET B 96 10.44 13.05 -11.86
CA MET B 96 11.78 13.67 -11.97
C MET B 96 12.42 13.99 -10.66
N SER B 97 11.66 14.62 -9.75
CA SER B 97 12.17 14.93 -8.39
C SER B 97 11.19 14.66 -7.24
N ILE B 98 11.76 14.35 -6.09
CA ILE B 98 10.99 14.40 -4.85
C ILE B 98 11.84 15.13 -3.84
N ASP B 99 11.26 16.14 -3.19
CA ASP B 99 12.01 16.90 -2.19
C ASP B 99 11.20 17.17 -0.95
N LYS B 100 11.90 17.33 0.17
CA LYS B 100 11.27 17.66 1.46
C LYS B 100 10.23 16.63 1.78
N ALA B 101 10.52 15.37 1.46
CA ALA B 101 9.57 14.30 1.77
C ALA B 101 9.75 13.88 3.22
N ARG B 102 8.63 13.85 3.94
CA ARG B 102 8.68 13.72 5.38
C ARG B 102 7.52 12.85 5.84
N PHE B 103 7.84 11.77 6.56
CA PHE B 103 6.83 10.79 6.99
C PHE B 103 6.67 10.87 8.50
N ARG B 104 5.46 11.19 8.96
CA ARG B 104 5.28 11.50 10.37
C ARG B 104 4.62 10.41 11.16
N LYS B 105 3.88 9.55 10.48
CA LYS B 105 3.07 8.61 11.21
C LYS B 105 2.75 7.48 10.26
N PRO B 106 2.90 6.25 10.73
CA PRO B 106 2.58 5.07 9.94
C PRO B 106 1.08 4.89 9.70
N VAL B 107 0.75 4.38 8.52
CA VAL B 107 -0.63 4.10 8.18
C VAL B 107 -0.85 2.61 7.93
N PHE B 108 -2.06 2.15 8.23
CA PHE B 108 -2.36 0.73 8.31
C PHE B 108 -3.62 0.35 7.59
N PRO B 109 -3.85 -0.96 7.43
CA PRO B 109 -5.15 -1.42 6.91
C PRO B 109 -6.34 -0.82 7.68
N GLY B 110 -7.32 -0.32 6.95
CA GLY B 110 -8.44 0.32 7.59
C GLY B 110 -8.38 1.84 7.52
N ASP B 111 -7.16 2.35 7.30
CA ASP B 111 -6.96 3.77 7.15
C ASP B 111 -7.41 4.28 5.78
N ARG B 112 -7.83 5.55 5.76
CA ARG B 112 -8.21 6.17 4.50
C ARG B 112 -7.34 7.36 4.24
N LEU B 113 -6.53 7.28 3.21
CA LEU B 113 -5.61 8.35 2.89
C LEU B 113 -6.26 9.35 2.00
N GLU B 114 -6.01 10.62 2.32
CA GLU B 114 -6.40 11.72 1.45
C GLU B 114 -5.15 12.50 1.08
N TYR B 115 -4.90 12.59 -0.21
CA TYR B 115 -3.73 13.28 -0.70
C TYR B 115 -4.12 14.68 -1.15
N HIS B 116 -3.82 15.68 -0.34
CA HIS B 116 -4.04 17.05 -0.73
C HIS B 116 -2.90 17.56 -1.59
N VAL B 117 -3.20 17.88 -2.85
CA VAL B 117 -2.16 18.43 -3.72
C VAL B 117 -2.48 19.84 -4.19
N ASN B 118 -1.42 20.64 -4.31
CA ASN B 118 -1.51 22.07 -4.62
C ASN B 118 -0.46 22.45 -5.62
N LYS B 119 -0.94 23.12 -6.66
CA LYS B 119 -0.22 23.36 -7.89
C LYS B 119 1.26 23.74 -7.88
N VAL B 120 1.66 24.87 -7.30
CA VAL B 120 3.03 25.41 -7.57
C VAL B 120 3.45 25.69 -9.05
N ARG B 121 3.38 24.68 -9.94
CA ARG B 121 3.85 24.83 -11.35
C ARG B 121 3.31 23.74 -12.31
N ASN B 122 2.93 24.12 -13.53
CA ASN B 122 2.61 23.13 -14.60
C ASN B 122 2.64 23.72 -16.01
N ARG B 123 3.81 23.64 -16.64
CA ARG B 123 3.99 24.19 -17.98
C ARG B 123 5.12 23.49 -18.74
N VAL B 124 4.85 23.22 -20.03
CA VAL B 124 5.80 22.56 -20.95
C VAL B 124 6.01 21.07 -20.63
N ASP B 125 4.91 20.37 -20.36
CA ASP B 125 4.95 18.95 -19.94
C ASP B 125 5.82 18.73 -18.69
N LEU B 126 5.57 19.51 -17.65
CA LEU B 126 6.45 19.56 -16.49
C LEU B 126 5.72 20.28 -15.35
N TRP B 127 5.22 19.48 -14.41
CA TRP B 127 4.54 20.05 -13.27
C TRP B 127 5.30 19.72 -11.97
N LYS B 128 5.06 20.55 -10.95
CA LYS B 128 5.66 20.39 -9.64
C LYS B 128 4.63 20.77 -8.61
N PHE B 129 4.19 19.83 -7.78
CA PHE B 129 3.18 20.09 -6.76
C PHE B 129 3.67 19.96 -5.31
N GLN B 130 2.94 20.63 -4.42
CA GLN B 130 3.17 20.51 -2.99
C GLN B 130 2.05 19.63 -2.44
N CYS B 131 2.43 18.52 -1.81
CA CYS B 131 1.46 17.50 -1.45
C CYS B 131 1.64 17.14 -0.01
N CYS B 132 0.51 16.82 0.62
CA CYS B 132 0.51 16.43 2.00
C CYS B 132 -0.54 15.32 2.09
N ALA B 133 -0.23 14.26 2.83
CA ALA B 133 -1.15 13.15 3.03
C ALA B 133 -1.71 13.15 4.42
N LYS B 134 -3.02 13.02 4.52
CA LYS B 134 -3.76 13.03 5.78
C LYS B 134 -4.53 11.76 5.99
N VAL B 135 -4.62 11.32 7.24
CA VAL B 135 -5.56 10.28 7.65
C VAL B 135 -6.37 10.85 8.81
N GLU B 136 -7.62 11.23 8.51
CA GLU B 136 -8.52 11.80 9.52
C GLU B 136 -8.07 13.15 10.06
N ASN B 137 -7.83 14.08 9.15
CA ASN B 137 -7.31 15.40 9.48
C ASN B 137 -6.06 15.37 10.32
N THR B 138 -5.25 14.34 10.16
CA THR B 138 -3.94 14.29 10.77
C THR B 138 -2.96 14.14 9.63
N VAL B 139 -1.99 15.04 9.53
CA VAL B 139 -0.98 14.92 8.49
C VAL B 139 -0.03 13.79 8.78
N VAL B 140 0.04 12.88 7.83
CA VAL B 140 0.69 11.62 7.98
C VAL B 140 2.00 11.64 7.16
N ALA B 141 1.97 12.39 6.06
CA ALA B 141 3.19 12.66 5.27
C ALA B 141 3.15 13.96 4.47
N GLU B 142 4.29 14.35 3.95
CA GLU B 142 4.30 15.47 3.02
C GLU B 142 5.51 15.42 2.06
N ALA B 143 5.30 15.85 0.83
CA ALA B 143 6.43 16.01 -0.07
C ALA B 143 6.14 17.08 -1.13
N GLU B 144 7.21 17.51 -1.76
CA GLU B 144 7.12 18.26 -3.00
C GLU B 144 7.57 17.36 -4.18
N ILE B 145 6.66 17.12 -5.10
CA ILE B 145 6.91 16.17 -6.15
C ILE B 145 6.92 16.87 -7.50
N CYS B 146 7.92 16.58 -8.30
CA CYS B 146 7.92 17.10 -9.66
C CYS B 146 8.03 16.00 -10.75
N ALA B 147 7.11 16.01 -11.73
CA ALA B 147 7.23 15.09 -12.89
C ALA B 147 7.07 15.75 -14.26
N MET B 148 7.59 15.08 -15.30
CA MET B 148 7.40 15.52 -16.70
C MET B 148 6.47 14.56 -17.45
N VAL B 149 6.09 14.91 -18.69
CA VAL B 149 5.24 14.02 -19.50
C VAL B 149 5.67 13.99 -20.97
N LEU C 8 36.62 -6.66 1.25
CA LEU C 8 35.30 -6.08 1.50
C LEU C 8 34.18 -7.12 1.55
N ASP C 9 33.26 -6.92 2.49
CA ASP C 9 32.15 -7.85 2.64
C ASP C 9 31.08 -7.82 1.52
N ALA C 10 30.40 -8.96 1.38
CA ALA C 10 29.24 -9.04 0.49
C ALA C 10 28.14 -9.97 1.04
N LYS C 11 26.91 -9.70 0.62
CA LYS C 11 25.77 -10.47 1.09
C LYS C 11 24.88 -10.89 -0.06
N ASP C 12 24.61 -12.18 -0.10
CA ASP C 12 23.68 -12.71 -1.08
C ASP C 12 22.23 -12.54 -0.55
N ILE C 13 21.26 -12.86 -1.40
CA ILE C 13 19.87 -12.68 -1.04
C ILE C 13 19.40 -13.39 0.26
N VAL C 14 19.89 -14.61 0.48
CA VAL C 14 19.49 -15.36 1.66
C VAL C 14 20.08 -14.74 2.93
N GLU C 15 21.25 -14.12 2.78
CA GLU C 15 21.89 -13.45 3.89
C GLU C 15 21.13 -12.17 4.18
N LEU C 16 20.97 -11.34 3.16
CA LEU C 16 20.11 -10.16 3.23
C LEU C 16 18.80 -10.42 3.98
N MET C 17 18.17 -11.56 3.72
CA MET C 17 16.90 -11.85 4.37
C MET C 17 17.02 -11.87 5.89
N ARG C 18 18.25 -11.97 6.41
CA ARG C 18 18.45 -12.02 7.86
C ARG C 18 18.47 -10.63 8.42
N PHE C 19 18.78 -9.65 7.59
CA PHE C 19 18.91 -8.28 8.05
C PHE C 19 17.78 -7.39 7.61
N LEU C 20 17.09 -7.82 6.55
CA LEU C 20 15.91 -7.12 6.08
C LEU C 20 14.69 -7.95 6.35
N PRO C 21 13.67 -7.34 6.97
CA PRO C 21 12.36 -7.99 7.17
C PRO C 21 11.53 -8.06 5.87
N HIS C 22 11.79 -7.14 4.94
CA HIS C 22 11.15 -7.12 3.64
C HIS C 22 11.10 -8.48 2.90
N ARG C 23 9.93 -8.83 2.38
CA ARG C 23 9.78 -10.00 1.53
C ARG C 23 9.07 -9.63 0.23
N TYR C 24 8.99 -10.58 -0.70
CA TYR C 24 8.23 -10.37 -1.92
C TYR C 24 6.78 -9.90 -1.56
N PRO C 25 6.30 -8.88 -2.26
CA PRO C 25 6.90 -8.31 -3.47
C PRO C 25 7.66 -7.02 -3.21
N PHE C 26 8.34 -6.94 -2.08
CA PHE C 26 8.88 -5.66 -1.68
C PHE C 26 10.33 -5.75 -1.21
N LEU C 27 11.01 -6.81 -1.62
CA LEU C 27 12.43 -6.93 -1.36
C LEU C 27 13.16 -6.57 -2.65
N LEU C 28 13.74 -5.38 -2.65
CA LEU C 28 14.09 -4.73 -3.91
C LEU C 28 15.58 -4.55 -4.12
N VAL C 29 16.36 -5.36 -3.42
CA VAL C 29 17.79 -5.53 -3.73
C VAL C 29 18.00 -7.02 -3.82
N ASP C 30 18.94 -7.44 -4.68
CA ASP C 30 19.26 -8.84 -4.80
C ASP C 30 20.56 -9.21 -4.08
N LYS C 31 21.49 -8.25 -4.02
CA LYS C 31 22.82 -8.45 -3.40
C LYS C 31 23.29 -7.17 -2.77
N VAL C 32 24.21 -7.25 -1.83
CA VAL C 32 24.98 -6.05 -1.46
C VAL C 32 26.46 -6.40 -1.42
N VAL C 33 27.25 -5.55 -2.07
CA VAL C 33 28.69 -5.80 -2.24
C VAL C 33 29.57 -4.62 -1.82
N ASN C 34 30.87 -4.88 -1.65
CA ASN C 34 31.86 -3.84 -1.32
C ASN C 34 31.46 -3.15 -0.06
N ILE C 35 30.96 -3.96 0.85
CA ILE C 35 30.43 -3.43 2.09
C ILE C 35 31.60 -3.03 2.94
N GLN C 36 31.77 -1.73 3.10
CA GLN C 36 32.76 -1.21 4.02
C GLN C 36 32.13 -0.77 5.34
N ARG C 37 32.14 -1.72 6.27
CA ARG C 37 31.53 -1.57 7.59
C ARG C 37 30.08 -1.08 7.52
N ASP C 38 29.95 0.24 7.41
CA ASP C 38 28.78 0.94 7.84
C ASP C 38 28.71 2.15 6.94
N GLU C 39 29.80 2.38 6.24
CA GLU C 39 30.04 3.70 5.75
C GLU C 39 29.63 3.78 4.32
N SER C 40 29.87 2.68 3.61
CA SER C 40 29.53 2.65 2.19
C SER C 40 29.24 1.23 1.74
N ALA C 41 28.44 1.10 0.69
CA ALA C 41 28.26 -0.19 0.01
C ALA C 41 27.73 0.05 -1.35
N ILE C 42 27.62 -1.03 -2.09
CA ILE C 42 26.86 -0.97 -3.31
C ILE C 42 25.84 -2.14 -3.46
N GLY C 43 24.56 -1.79 -3.53
CA GLY C 43 23.49 -2.76 -3.63
C GLY C 43 23.23 -3.12 -5.08
N ILE C 44 22.93 -4.39 -5.33
CA ILE C 44 22.58 -4.83 -6.69
C ILE C 44 21.12 -5.24 -6.82
N LYS C 45 20.48 -4.68 -7.86
CA LYS C 45 19.12 -5.01 -8.25
C LYS C 45 19.00 -5.26 -9.75
N ASN C 46 18.74 -6.49 -10.16
CA ASN C 46 18.46 -6.75 -11.58
C ASN C 46 17.05 -6.38 -11.95
N VAL C 47 16.89 -5.66 -13.03
CA VAL C 47 15.56 -5.30 -13.45
C VAL C 47 15.16 -6.28 -14.56
N THR C 48 14.04 -6.96 -14.38
CA THR C 48 13.58 -7.92 -15.37
C THR C 48 12.10 -7.63 -15.63
N PHE C 49 11.63 -8.00 -16.80
CA PHE C 49 10.22 -7.86 -17.09
C PHE C 49 9.29 -8.65 -16.16
N ASN C 50 9.76 -9.85 -15.78
CA ASN C 50 9.00 -10.74 -14.89
C ASN C 50 8.88 -10.28 -13.43
N GLU C 51 8.62 -8.99 -13.21
CA GLU C 51 8.30 -8.46 -11.88
C GLU C 51 6.86 -7.96 -11.91
N PRO C 52 6.17 -8.08 -10.77
CA PRO C 52 4.72 -7.78 -10.69
C PRO C 52 4.31 -6.33 -10.98
N HIS C 53 5.15 -5.38 -10.58
CA HIS C 53 4.86 -3.97 -10.86
C HIS C 53 4.75 -3.63 -12.33
N PHE C 54 5.49 -4.34 -13.17
CA PHE C 54 5.47 -4.11 -14.61
C PHE C 54 4.15 -4.42 -15.27
N MET C 55 3.30 -5.19 -14.58
CA MET C 55 1.92 -5.39 -15.06
C MET C 55 1.15 -4.06 -15.24
N GLY C 56 1.45 -3.08 -14.39
CA GLY C 56 0.70 -1.85 -14.38
C GLY C 56 1.53 -0.59 -14.52
N HIS C 57 2.82 -0.74 -14.79
CA HIS C 57 3.69 0.43 -14.86
C HIS C 57 4.81 0.29 -15.91
N PHE C 58 4.42 0.30 -17.18
CA PHE C 58 3.06 0.52 -17.60
C PHE C 58 2.71 -0.55 -18.55
N PRO C 59 1.41 -0.80 -18.70
CA PRO C 59 0.98 -1.85 -19.65
C PRO C 59 1.49 -1.58 -21.08
N GLY C 60 2.26 -2.52 -21.61
CA GLY C 60 2.87 -2.40 -22.91
C GLY C 60 4.09 -1.51 -22.95
N ARG C 61 4.43 -0.89 -21.83
CA ARG C 61 5.57 -0.01 -21.76
C ARG C 61 6.15 -0.09 -20.36
N PRO C 62 6.80 -1.22 -20.07
CA PRO C 62 7.44 -1.43 -18.77
C PRO C 62 8.56 -0.43 -18.50
N VAL C 63 8.36 0.43 -17.50
CA VAL C 63 9.46 1.24 -17.01
C VAL C 63 9.49 1.26 -15.49
N MET C 64 10.67 1.08 -14.90
CA MET C 64 10.85 0.99 -13.44
C MET C 64 10.43 2.26 -12.72
N PRO C 65 9.51 2.11 -11.75
CA PRO C 65 8.96 3.24 -10.99
C PRO C 65 10.06 3.83 -10.12
N GLY C 66 10.29 5.15 -10.21
CA GLY C 66 11.33 5.82 -9.45
C GLY C 66 11.26 5.52 -7.96
N VAL C 67 10.05 5.60 -7.41
CA VAL C 67 9.86 5.26 -5.99
C VAL C 67 10.42 3.90 -5.56
N LEU C 68 10.45 2.93 -6.49
CA LEU C 68 11.05 1.61 -6.18
C LEU C 68 12.56 1.67 -6.29
N ILE C 69 13.05 2.59 -7.09
CA ILE C 69 14.47 2.81 -7.04
C ILE C 69 14.84 3.36 -5.66
N LEU C 70 14.06 4.36 -5.20
CA LEU C 70 14.31 4.98 -3.89
C LEU C 70 14.33 3.89 -2.87
N GLU C 71 13.29 3.06 -2.92
CA GLU C 71 13.15 1.94 -2.01
C GLU C 71 14.33 0.94 -2.03
N GLY C 72 14.84 0.64 -3.22
CA GLY C 72 16.06 -0.13 -3.41
C GLY C 72 17.21 0.47 -2.64
N MET C 73 17.56 1.72 -2.97
CA MET C 73 18.54 2.48 -2.21
C MET C 73 18.39 2.38 -0.67
N ALA C 74 17.17 2.63 -0.20
CA ALA C 74 16.88 2.64 1.22
C ALA C 74 17.13 1.26 1.82
N GLN C 75 16.83 0.23 1.03
CA GLN C 75 17.03 -1.11 1.53
C GLN C 75 18.49 -1.47 1.61
N THR C 76 19.30 -0.99 0.68
CA THR C 76 20.72 -1.31 0.78
C THR C 76 21.37 -0.56 1.97
N ALA C 77 21.11 0.74 2.07
CA ALA C 77 21.52 1.46 3.29
C ALA C 77 21.13 0.74 4.59
N GLY C 78 19.82 0.56 4.79
CA GLY C 78 19.32 -0.10 5.97
C GLY C 78 19.91 -1.46 6.22
N ALA C 79 20.16 -2.19 5.14
CA ALA C 79 20.81 -3.50 5.24
C ALA C 79 22.22 -3.43 5.85
N ILE C 80 23.10 -2.57 5.31
CA ILE C 80 24.45 -2.50 5.88
C ILE C 80 24.45 -2.01 7.32
N CYS C 81 23.55 -1.07 7.63
CA CYS C 81 23.37 -0.63 9.04
C CYS C 81 22.85 -1.75 9.93
N ALA C 82 21.98 -2.62 9.44
CA ALA C 82 21.48 -3.68 10.33
C ALA C 82 22.60 -4.68 10.55
N ILE C 83 23.45 -4.85 9.53
CA ILE C 83 24.55 -5.79 9.63
C ILE C 83 25.52 -5.31 10.67
N HIS C 84 25.99 -4.08 10.44
CA HIS C 84 27.00 -3.44 11.27
C HIS C 84 26.63 -3.37 12.74
N ASN C 85 25.40 -2.93 13.00
CA ASN C 85 24.96 -2.65 14.36
C ASN C 85 24.42 -3.86 15.08
N GLY C 86 24.79 -5.04 14.58
CA GLY C 86 24.39 -6.29 15.20
C GLY C 86 22.88 -6.46 15.28
N PHE C 87 22.15 -5.67 14.49
CA PHE C 87 20.70 -5.79 14.38
C PHE C 87 20.37 -6.80 13.30
N ASP C 88 19.09 -6.99 13.06
CA ASP C 88 18.59 -7.89 12.04
C ASP C 88 17.17 -7.43 11.68
N GLN C 89 16.39 -8.29 11.03
CA GLN C 89 14.95 -8.14 11.01
C GLN C 89 14.43 -8.37 12.45
N TYR C 90 13.13 -8.47 12.66
CA TYR C 90 12.55 -8.49 14.02
C TYR C 90 12.68 -7.10 14.67
N ALA C 91 13.71 -6.35 14.26
CA ALA C 91 13.80 -4.90 14.44
C ALA C 91 13.72 -4.15 13.07
N PRO C 92 12.49 -3.84 12.62
CA PRO C 92 12.21 -3.28 11.29
C PRO C 92 12.48 -1.79 11.17
N PRO C 93 12.81 -1.32 9.96
CA PRO C 93 13.07 0.10 9.70
C PRO C 93 11.80 0.89 9.42
N TYR C 94 11.92 2.20 9.49
CA TYR C 94 10.81 3.09 9.27
C TYR C 94 11.34 4.29 8.55
N LEU C 95 10.96 4.44 7.31
CA LEU C 95 11.44 5.55 6.50
C LEU C 95 10.91 6.91 6.97
N MET C 96 11.82 7.84 7.25
CA MET C 96 11.46 9.14 7.81
C MET C 96 11.57 10.32 6.83
N SER C 97 12.63 10.35 6.02
CA SER C 97 12.73 11.44 5.08
C SER C 97 13.37 11.01 3.78
N ILE C 98 13.02 11.72 2.71
CA ILE C 98 13.74 11.65 1.46
C ILE C 98 13.93 13.06 0.97
N ASP C 99 15.17 13.42 0.68
CA ASP C 99 15.46 14.74 0.15
C ASP C 99 16.41 14.72 -1.02
N LYS C 100 16.28 15.73 -1.89
CA LYS C 100 17.15 15.93 -3.06
C LYS C 100 17.08 14.68 -3.92
N ALA C 101 15.89 14.10 -4.03
CA ALA C 101 15.70 12.95 -4.91
C ALA C 101 15.52 13.42 -6.37
N ARG C 102 16.39 12.90 -7.20
CA ARG C 102 16.45 13.35 -8.59
C ARG C 102 16.57 12.14 -9.53
N PHE C 103 15.62 12.06 -10.47
CA PHE C 103 15.62 10.97 -11.46
C PHE C 103 16.04 11.49 -12.84
N ARG C 104 17.15 10.98 -13.34
CA ARG C 104 17.73 11.48 -14.59
C ARG C 104 17.44 10.69 -15.83
N LYS C 105 17.23 9.40 -15.67
CA LYS C 105 17.10 8.57 -16.85
C LYS C 105 16.27 7.36 -16.48
N PRO C 106 15.30 6.99 -17.34
CA PRO C 106 14.46 5.80 -17.09
C PRO C 106 15.24 4.50 -17.18
N VAL C 107 14.88 3.57 -16.32
CA VAL C 107 15.45 2.21 -16.37
C VAL C 107 14.40 1.15 -16.78
N PHE C 108 14.88 0.10 -17.46
CA PHE C 108 14.00 -0.87 -18.14
C PHE C 108 14.41 -2.29 -17.88
N PRO C 109 13.52 -3.22 -18.21
CA PRO C 109 13.91 -4.63 -18.16
C PRO C 109 15.25 -4.93 -18.91
N GLY C 110 16.15 -5.64 -18.25
CA GLY C 110 17.44 -5.92 -18.84
C GLY C 110 18.52 -5.10 -18.17
N ASP C 111 18.11 -3.99 -17.54
CA ASP C 111 19.05 -3.09 -16.82
C ASP C 111 19.52 -3.63 -15.48
N ARG C 112 20.73 -3.26 -15.13
CA ARG C 112 21.24 -3.69 -13.85
C ARG C 112 21.52 -2.48 -12.99
N LEU C 113 20.86 -2.39 -11.85
CA LEU C 113 20.99 -1.24 -10.98
C LEU C 113 22.02 -1.53 -9.93
N GLU C 114 22.92 -0.55 -9.79
CA GLU C 114 23.85 -0.53 -8.68
C GLU C 114 23.57 0.71 -7.86
N TYR C 115 23.25 0.46 -6.60
CA TYR C 115 22.93 1.52 -5.64
C TYR C 115 24.17 1.79 -4.78
N HIS C 116 24.85 2.89 -5.10
CA HIS C 116 25.97 3.36 -4.27
C HIS C 116 25.51 4.20 -3.08
N VAL C 117 25.72 3.66 -1.89
CA VAL C 117 25.31 4.38 -0.69
C VAL C 117 26.51 4.75 0.19
N ASN C 118 26.47 5.98 0.68
CA ASN C 118 27.51 6.53 1.54
C ASN C 118 26.92 7.10 2.81
N LYS C 119 27.55 6.70 3.91
CA LYS C 119 27.10 6.94 5.29
C LYS C 119 26.43 8.25 5.70
N VAL C 120 27.10 9.39 5.64
CA VAL C 120 26.55 10.59 6.34
C VAL C 120 26.23 10.51 7.87
N ARG C 121 25.40 9.57 8.31
CA ARG C 121 25.06 9.44 9.74
C ARG C 121 24.46 8.08 10.09
N ASN C 122 24.83 7.52 11.22
CA ASN C 122 24.11 6.39 11.79
C ASN C 122 24.29 6.23 13.31
N ARG C 123 23.39 6.84 14.10
CA ARG C 123 23.43 6.74 15.57
C ARG C 123 22.05 6.88 16.21
N VAL C 124 21.81 6.08 17.24
CA VAL C 124 20.58 6.13 18.03
C VAL C 124 19.39 5.64 17.22
N ASP C 125 19.59 4.53 16.52
CA ASP C 125 18.55 3.95 15.70
C ASP C 125 18.06 4.95 14.64
N LEU C 126 18.96 5.60 13.94
CA LEU C 126 18.59 6.62 13.00
C LEU C 126 19.76 6.89 12.09
N TRP C 127 19.62 6.46 10.83
CA TRP C 127 20.67 6.70 9.86
C TRP C 127 20.20 7.56 8.70
N LYS C 128 21.14 8.19 8.03
CA LYS C 128 20.82 9.04 6.90
C LYS C 128 21.94 8.85 5.92
N PHE C 129 21.65 8.30 4.73
CA PHE C 129 22.66 8.06 3.68
C PHE C 129 22.50 8.89 2.41
N GLN C 130 23.63 9.08 1.74
CA GLN C 130 23.65 9.70 0.43
C GLN C 130 23.78 8.60 -0.61
N CYS C 131 22.81 8.55 -1.53
CA CYS C 131 22.66 7.40 -2.41
C CYS C 131 22.51 7.85 -3.82
N CYS C 132 23.19 7.10 -4.67
CA CYS C 132 23.11 7.35 -6.09
C CYS C 132 22.95 6.00 -6.81
N ALA C 133 21.99 5.94 -7.74
CA ALA C 133 21.75 4.78 -8.56
C ALA C 133 22.34 4.93 -9.96
N LYS C 134 23.20 3.96 -10.30
CA LYS C 134 23.81 3.86 -11.63
C LYS C 134 23.38 2.60 -12.42
N VAL C 135 23.30 2.75 -13.74
CA VAL C 135 23.17 1.63 -14.68
C VAL C 135 24.30 1.77 -15.69
N GLU C 136 25.35 0.96 -15.51
CA GLU C 136 26.53 1.00 -16.39
C GLU C 136 27.32 2.28 -16.30
N ASN C 137 27.75 2.61 -15.09
CA ASN C 137 28.46 3.85 -14.81
C ASN C 137 27.78 5.10 -15.37
N THR C 138 26.45 5.09 -15.36
CA THR C 138 25.69 6.25 -15.76
C THR C 138 24.77 6.51 -14.61
N VAL C 139 24.81 7.72 -14.07
CA VAL C 139 23.94 8.00 -12.94
C VAL C 139 22.51 8.16 -13.42
N VAL C 140 21.64 7.36 -12.82
CA VAL C 140 20.27 7.26 -13.29
C VAL C 140 19.36 7.95 -12.26
N ALA C 141 19.75 7.85 -10.99
CA ALA C 141 19.03 8.59 -9.95
C ALA C 141 19.90 8.95 -8.75
N GLU C 142 19.40 9.82 -7.89
CA GLU C 142 20.08 10.12 -6.61
C GLU C 142 19.08 10.64 -5.56
N ALA C 143 19.36 10.29 -4.31
CA ALA C 143 18.59 10.84 -3.19
C ALA C 143 19.35 10.76 -1.89
N GLU C 144 18.94 11.59 -0.95
CA GLU C 144 19.40 11.49 0.41
C GLU C 144 18.25 10.91 1.20
N ILE C 145 18.51 9.79 1.86
CA ILE C 145 17.44 9.02 2.50
C ILE C 145 17.73 8.85 3.95
N CYS C 146 16.78 9.23 4.79
CA CYS C 146 16.88 8.96 6.23
C CYS C 146 15.79 8.02 6.82
N ALA C 147 16.21 7.03 7.59
CA ALA C 147 15.26 6.18 8.31
C ALA C 147 15.64 5.92 9.76
N MET C 148 14.65 5.48 10.55
CA MET C 148 14.87 5.10 11.93
C MET C 148 14.56 3.62 12.10
N VAL C 149 14.96 3.04 13.22
CA VAL C 149 14.68 1.64 13.43
C VAL C 149 14.07 1.43 14.77
N MET C 150 13.19 0.45 14.81
CA MET C 150 12.47 0.20 16.03
C MET C 150 12.76 -1.22 16.45
N HIS C 151 12.34 -1.57 17.65
CA HIS C 151 12.65 -2.88 18.19
C HIS C 151 11.41 -3.47 18.83
#